data_4I5X
#
_entry.id   4I5X
#
_cell.length_a   89.402
_cell.length_b   89.402
_cell.length_c   77.874
_cell.angle_alpha   90.00
_cell.angle_beta   90.00
_cell.angle_gamma   120.00
#
_symmetry.space_group_name_H-M   'P 61'
#
loop_
_entity.id
_entity.type
_entity.pdbx_description
1 polymer 'Aldo-keto reductase family 1 member B10'
2 non-polymer '2-[[3-(TRIFLUOROMETHYL)PHENYL]AMINO] BENZOIC ACID'
3 non-polymer 'NADP NICOTINAMIDE-ADENINE-DINUCLEOTIDE PHOSPHATE'
4 water water
#
_entity_poly.entity_id   1
_entity_poly.type   'polypeptide(L)'
_entity_poly.pdbx_seq_one_letter_code
;AHMATFVELSTKAKMPIVGLGTWKSPLGKVKEAVKVAIDAGYRHIDCAYVYQNEHEVGEAIQEKIQEKAVKREDLFIVSK
LWPTFFERPLVRKAFEKTLKDLKLSYLDVYLIHWPQGFKSGDDLFPKDDKGNAIGGKATFLDAWEAMEELVDEGLVKALG
VSNFSHFQIEKLLNKPGLKYKPVTNQVECHPYLTQEKLIQYCHSKGITVTAYSPLGSPDRPWAKPEDPSLLEDPKIKEIA
AKHKKTAAQVLIRFHIQRNVIVIPKSVTPARIVENIQVFDFKLSDEEMATILSFNRNWRACNVLQSSHLEDYPFDAEY
;
_entity_poly.pdbx_strand_id   A
#
# COMPACT_ATOMS: atom_id res chain seq x y z
N ALA A 1 -16.53 -12.73 -13.25
CA ALA A 1 -16.44 -11.28 -13.02
C ALA A 1 -16.61 -10.96 -11.54
N HIS A 2 -15.65 -10.22 -11.00
CA HIS A 2 -15.65 -9.91 -9.58
C HIS A 2 -15.61 -8.40 -9.35
N MET A 3 -16.18 -7.97 -8.23
CA MET A 3 -16.05 -6.59 -7.80
C MET A 3 -15.83 -6.47 -6.31
N ALA A 4 -14.74 -5.79 -5.96
CA ALA A 4 -14.43 -5.52 -4.57
C ALA A 4 -15.39 -4.48 -4.02
N THR A 5 -15.81 -4.68 -2.78
CA THR A 5 -16.56 -3.67 -2.02
C THR A 5 -15.87 -2.30 -2.07
N PHE A 6 -16.65 -1.24 -2.05
CA PHE A 6 -16.10 0.11 -2.02
C PHE A 6 -15.90 0.56 -0.58
N VAL A 7 -14.75 1.14 -0.32
CA VAL A 7 -14.56 1.84 0.94
C VAL A 7 -14.59 3.32 0.59
N GLU A 8 -15.48 4.06 1.23
CA GLU A 8 -15.58 5.49 0.98
C GLU A 8 -14.55 6.29 1.78
N LEU A 9 -13.80 7.15 1.10
CA LEU A 9 -12.80 8.00 1.72
C LEU A 9 -13.43 9.30 2.17
N SER A 10 -12.74 10.06 3.02
CA SER A 10 -13.28 11.31 3.53
C SER A 10 -13.58 12.30 2.40
N THR A 11 -13.04 12.04 1.22
CA THR A 11 -13.30 12.85 0.02
C THR A 11 -14.53 12.32 -0.73
N LYS A 12 -15.15 11.27 -0.19
CA LYS A 12 -16.27 10.56 -0.79
C LYS A 12 -15.95 9.75 -2.05
N ALA A 13 -14.71 9.83 -2.54
CA ALA A 13 -14.27 8.89 -3.56
C ALA A 13 -14.40 7.45 -3.03
N LYS A 14 -14.51 6.48 -3.94
CA LYS A 14 -14.75 5.09 -3.55
C LYS A 14 -13.49 4.25 -3.80
N MET A 15 -12.93 3.68 -2.74
CA MET A 15 -11.67 2.96 -2.87
C MET A 15 -11.98 1.47 -2.77
N PRO A 16 -11.62 0.69 -3.80
CA PRO A 16 -11.94 -0.74 -3.76
C PRO A 16 -11.18 -1.45 -2.63
N ILE A 17 -11.90 -2.21 -1.81
CA ILE A 17 -11.32 -2.79 -0.60
C ILE A 17 -10.20 -3.80 -0.88
N VAL A 18 -10.19 -4.39 -2.08
CA VAL A 18 -9.07 -5.23 -2.50
C VAL A 18 -8.38 -4.57 -3.69
N GLY A 19 -7.06 -4.51 -3.66
CA GLY A 19 -6.30 -4.02 -4.79
C GLY A 19 -5.15 -4.94 -5.15
N LEU A 20 -4.57 -4.77 -6.33
CA LEU A 20 -3.39 -5.51 -6.77
C LEU A 20 -2.08 -4.81 -6.43
N GLY A 21 -1.24 -5.45 -5.63
CA GLY A 21 0.06 -4.89 -5.27
C GLY A 21 1.03 -5.17 -6.38
N THR A 22 2.08 -4.36 -6.49
CA THR A 22 3.00 -4.47 -7.64
C THR A 22 4.50 -4.58 -7.29
N TRP A 23 4.83 -5.23 -6.18
CA TRP A 23 6.21 -5.58 -5.79
C TRP A 23 7.06 -6.04 -6.98
N LYS A 24 8.32 -5.58 -7.00
CA LYS A 24 9.21 -5.72 -8.15
C LYS A 24 9.22 -7.14 -8.74
N SER A 25 8.94 -7.24 -10.05
CA SER A 25 8.98 -8.54 -10.74
C SER A 25 9.28 -8.43 -12.24
N PRO A 26 10.19 -9.28 -12.74
CA PRO A 26 10.71 -9.20 -14.12
C PRO A 26 10.01 -10.15 -15.07
N LEU A 27 9.79 -9.72 -16.31
CA LEU A 27 10.06 -8.36 -16.76
C LEU A 27 8.70 -7.77 -17.01
N GLY A 28 8.02 -8.34 -18.01
CA GLY A 28 6.63 -8.01 -18.29
C GLY A 28 5.70 -8.83 -17.40
N LYS A 29 6.27 -9.48 -16.39
CA LYS A 29 5.48 -10.24 -15.42
C LYS A 29 4.38 -9.40 -14.80
N VAL A 30 4.75 -8.20 -14.34
CA VAL A 30 3.81 -7.28 -13.70
C VAL A 30 2.77 -6.74 -14.68
N LYS A 31 3.17 -6.50 -15.91
CA LYS A 31 2.26 -6.00 -16.94
C LYS A 31 1.08 -6.94 -17.21
N GLU A 32 1.39 -8.23 -17.39
CA GLU A 32 0.37 -9.25 -17.56
C GLU A 32 -0.51 -9.34 -16.33
N ALA A 33 0.13 -9.30 -15.16
CA ALA A 33 -0.59 -9.39 -13.89
C ALA A 33 -1.65 -8.31 -13.83
N VAL A 34 -1.26 -7.09 -14.17
CA VAL A 34 -2.22 -6.00 -14.25
C VAL A 34 -3.31 -6.29 -15.26
N LYS A 35 -2.93 -6.83 -16.42
CA LYS A 35 -3.91 -7.19 -17.44
C LYS A 35 -4.85 -8.28 -16.93
N VAL A 36 -4.28 -9.32 -16.33
CA VAL A 36 -5.11 -10.38 -15.77
C VAL A 36 -6.02 -9.83 -14.68
N ALA A 37 -5.49 -8.98 -13.82
CA ALA A 37 -6.27 -8.40 -12.74
C ALA A 37 -7.50 -7.65 -13.24
N ILE A 38 -7.27 -6.79 -14.20
CA ILE A 38 -8.34 -5.98 -14.76
C ILE A 38 -9.41 -6.89 -15.37
N ASP A 39 -8.96 -7.91 -16.08
CA ASP A 39 -9.87 -8.93 -16.64
C ASP A 39 -10.75 -9.53 -15.55
N ALA A 40 -10.12 -10.00 -14.48
CA ALA A 40 -10.83 -10.63 -13.36
C ALA A 40 -11.79 -9.67 -12.64
N GLY A 41 -11.48 -8.37 -12.68
CA GLY A 41 -12.38 -7.38 -12.09
C GLY A 41 -11.74 -6.45 -11.07
N TYR A 42 -10.43 -6.53 -10.92
CA TYR A 42 -9.70 -5.56 -10.09
C TYR A 42 -9.76 -4.18 -10.72
N ARG A 43 -9.95 -3.16 -9.89
CA ARG A 43 -9.92 -1.80 -10.37
C ARG A 43 -8.85 -0.99 -9.60
N HIS A 44 -8.52 -1.48 -8.41
CA HIS A 44 -7.53 -0.84 -7.53
C HIS A 44 -6.14 -1.43 -7.79
N ILE A 45 -5.22 -0.61 -8.29
CA ILE A 45 -3.84 -1.04 -8.46
C ILE A 45 -2.90 -0.21 -7.57
N ASP A 46 -2.05 -0.88 -6.79
CA ASP A 46 -1.08 -0.17 -5.95
C ASP A 46 0.29 -0.20 -6.57
N CYS A 47 0.90 0.98 -6.71
CA CYS A 47 2.15 1.15 -7.44
C CYS A 47 3.19 1.91 -6.60
N ALA A 48 4.43 1.91 -7.03
CA ALA A 48 5.46 2.71 -6.37
C ALA A 48 6.63 3.07 -7.28
N TYR A 49 7.10 4.31 -7.17
CA TYR A 49 8.27 4.75 -7.90
C TYR A 49 9.46 3.83 -7.62
N VAL A 50 9.61 3.43 -6.36
CA VAL A 50 10.79 2.67 -5.93
C VAL A 50 10.91 1.31 -6.61
N TYR A 51 9.78 0.75 -7.06
CA TYR A 51 9.79 -0.55 -7.72
C TYR A 51 10.45 -0.47 -9.06
N GLN A 52 10.51 0.74 -9.61
CA GLN A 52 11.12 0.99 -10.92
C GLN A 52 10.50 0.13 -12.02
N ASN A 53 9.26 -0.30 -11.79
CA ASN A 53 8.51 -1.13 -12.73
C ASN A 53 7.19 -0.50 -13.17
N GLU A 54 7.04 0.80 -12.96
CA GLU A 54 5.75 1.47 -13.16
C GLU A 54 5.38 1.59 -14.64
N HIS A 55 6.38 1.49 -15.51
CA HIS A 55 6.14 1.58 -16.94
C HIS A 55 5.40 0.35 -17.46
N GLU A 56 5.78 -0.84 -16.97
CA GLU A 56 5.03 -2.06 -17.28
C GLU A 56 3.56 -1.90 -16.94
N VAL A 57 3.27 -1.47 -15.70
CA VAL A 57 1.91 -1.20 -15.24
C VAL A 57 1.21 -0.26 -16.19
N GLY A 58 1.94 0.75 -16.66
CA GLY A 58 1.41 1.73 -17.58
C GLY A 58 1.00 1.12 -18.91
N GLU A 59 1.90 0.33 -19.51
CA GLU A 59 1.61 -0.38 -20.77
C GLU A 59 0.33 -1.21 -20.64
N ALA A 60 0.23 -1.94 -19.52
CA ALA A 60 -0.91 -2.81 -19.24
C ALA A 60 -2.23 -2.06 -19.20
N ILE A 61 -2.29 -0.97 -18.44
CA ILE A 61 -3.52 -0.19 -18.32
C ILE A 61 -3.90 0.45 -19.65
N GLN A 62 -2.89 0.96 -20.36
CA GLN A 62 -3.08 1.58 -21.67
C GLN A 62 -3.73 0.62 -22.64
N GLU A 63 -3.17 -0.59 -22.73
CA GLU A 63 -3.69 -1.61 -23.63
C GLU A 63 -5.13 -2.01 -23.28
N LYS A 64 -5.44 -2.17 -22.00
CA LYS A 64 -6.82 -2.53 -21.59
C LYS A 64 -7.80 -1.38 -21.77
N ILE A 65 -7.31 -0.15 -21.83
CA ILE A 65 -8.21 0.97 -22.08
C ILE A 65 -8.58 0.98 -23.56
N GLN A 66 -7.57 0.81 -24.42
CA GLN A 66 -7.79 0.74 -25.87
C GLN A 66 -8.62 -0.49 -26.24
N GLU A 67 -8.32 -1.63 -25.63
CA GLU A 67 -9.12 -2.85 -25.80
C GLU A 67 -10.56 -2.70 -25.33
N LYS A 68 -10.90 -1.59 -24.69
CA LYS A 68 -12.24 -1.34 -24.11
C LYS A 68 -12.60 -2.24 -22.92
N ALA A 69 -11.61 -2.93 -22.35
CA ALA A 69 -11.87 -3.76 -21.18
C ALA A 69 -12.27 -2.93 -19.96
N VAL A 70 -11.59 -1.80 -19.76
CA VAL A 70 -11.91 -0.89 -18.66
C VAL A 70 -11.85 0.59 -19.09
N LYS A 71 -12.62 1.44 -18.40
CA LYS A 71 -12.48 2.89 -18.50
C LYS A 71 -11.68 3.46 -17.30
N ARG A 72 -11.04 4.62 -17.50
CA ARG A 72 -10.23 5.27 -16.47
C ARG A 72 -10.98 5.56 -15.17
N GLU A 73 -12.13 6.21 -15.28
CA GLU A 73 -12.94 6.59 -14.14
C GLU A 73 -13.26 5.42 -13.18
N ASP A 74 -13.16 4.18 -13.67
CA ASP A 74 -13.44 3.00 -12.87
C ASP A 74 -12.17 2.42 -12.25
N LEU A 75 -11.01 2.78 -12.80
CA LEU A 75 -9.74 2.37 -12.23
C LEU A 75 -9.37 3.26 -11.02
N PHE A 76 -8.70 2.65 -10.05
CA PHE A 76 -8.31 3.37 -8.84
C PHE A 76 -6.84 3.14 -8.68
N ILE A 77 -6.05 4.11 -9.13
CA ILE A 77 -4.60 3.98 -9.20
C ILE A 77 -3.91 4.79 -8.12
N VAL A 78 -3.08 4.12 -7.33
CA VAL A 78 -2.34 4.72 -6.24
C VAL A 78 -0.86 4.57 -6.51
N SER A 79 -0.10 5.64 -6.32
CA SER A 79 1.35 5.55 -6.28
C SER A 79 1.87 6.37 -5.11
N LYS A 80 3.19 6.39 -4.92
CA LYS A 80 3.78 6.93 -3.71
C LYS A 80 5.01 7.74 -4.04
N LEU A 81 5.30 8.71 -3.19
CA LEU A 81 6.49 9.54 -3.30
C LEU A 81 7.59 8.97 -2.39
N TRP A 82 8.72 8.60 -2.99
CA TRP A 82 9.85 8.00 -2.27
C TRP A 82 10.64 9.09 -1.52
N PRO A 83 11.18 8.78 -0.32
CA PRO A 83 11.78 9.78 0.58
C PRO A 83 12.94 10.61 0.04
N THR A 84 13.61 10.15 -1.02
CA THR A 84 14.74 10.92 -1.55
C THR A 84 14.23 12.06 -2.43
N PHE A 85 12.91 12.20 -2.54
CA PHE A 85 12.35 13.24 -3.36
C PHE A 85 11.47 14.26 -2.62
N PHE A 86 11.73 14.46 -1.33
CA PHE A 86 10.89 15.34 -0.51
C PHE A 86 11.07 16.82 -0.81
N GLU A 87 12.28 17.21 -1.23
CA GLU A 87 12.58 18.58 -1.64
C GLU A 87 11.64 19.00 -2.77
N ARG A 88 11.08 20.19 -2.65
CA ARG A 88 9.95 20.62 -3.50
C ARG A 88 10.10 20.42 -5.02
N PRO A 89 11.25 20.82 -5.61
CA PRO A 89 11.37 20.59 -7.06
C PRO A 89 11.48 19.11 -7.39
N LEU A 90 11.94 18.31 -6.43
CA LEU A 90 12.04 16.86 -6.60
C LEU A 90 10.67 16.16 -6.53
N VAL A 91 9.80 16.61 -5.60
CA VAL A 91 8.45 16.07 -5.48
C VAL A 91 7.75 16.11 -6.83
N ARG A 92 7.74 17.29 -7.43
CA ARG A 92 7.11 17.49 -8.71
C ARG A 92 7.80 16.64 -9.77
N LYS A 93 9.12 16.54 -9.70
CA LYS A 93 9.88 15.77 -10.69
C LYS A 93 9.67 14.25 -10.57
N ALA A 94 9.68 13.74 -9.34
CA ALA A 94 9.42 12.32 -9.11
C ALA A 94 8.01 11.96 -9.55
N PHE A 95 7.04 12.75 -9.10
CA PHE A 95 5.64 12.55 -9.47
C PHE A 95 5.45 12.49 -10.98
N GLU A 96 6.11 13.37 -11.70
CA GLU A 96 5.98 13.43 -13.15
C GLU A 96 6.55 12.20 -13.84
N LYS A 97 7.60 11.62 -13.28
CA LYS A 97 8.15 10.37 -13.79
C LYS A 97 7.14 9.24 -13.53
N THR A 98 6.60 9.20 -12.32
CA THR A 98 5.49 8.29 -12.01
C THR A 98 4.30 8.43 -12.98
N LEU A 99 3.83 9.66 -13.18
CA LEU A 99 2.63 9.85 -14.00
C LEU A 99 2.91 9.58 -15.48
N LYS A 100 4.19 9.62 -15.85
CA LYS A 100 4.60 9.39 -17.23
C LYS A 100 4.66 7.90 -17.52
N ASP A 101 5.52 7.20 -16.77
CA ASP A 101 5.59 5.75 -16.79
C ASP A 101 4.19 5.10 -16.76
N LEU A 102 3.28 5.68 -15.98
CA LEU A 102 1.93 5.14 -15.83
C LEU A 102 1.00 5.61 -16.92
N LYS A 103 1.50 6.50 -17.78
CA LYS A 103 0.73 7.00 -18.92
C LYS A 103 -0.65 7.50 -18.53
N LEU A 104 -0.75 8.07 -17.33
CA LEU A 104 -2.01 8.65 -16.85
C LEU A 104 -1.98 10.16 -16.91
N SER A 105 -3.14 10.77 -16.68
CA SER A 105 -3.21 12.21 -16.59
C SER A 105 -3.53 12.58 -15.13
N TYR A 106 -3.76 11.57 -14.30
CA TYR A 106 -3.97 11.77 -12.87
C TYR A 106 -3.88 10.49 -12.07
N LEU A 107 -3.62 10.64 -10.78
CA LEU A 107 -3.63 9.52 -9.84
C LEU A 107 -4.82 9.69 -8.93
N ASP A 108 -5.42 8.57 -8.52
CA ASP A 108 -6.50 8.61 -7.56
C ASP A 108 -5.99 8.92 -6.17
N VAL A 109 -4.86 8.30 -5.81
CA VAL A 109 -4.18 8.63 -4.55
C VAL A 109 -2.67 8.69 -4.75
N TYR A 110 -2.05 9.71 -4.15
CA TYR A 110 -0.60 9.81 -4.10
C TYR A 110 -0.18 9.79 -2.62
N LEU A 111 0.70 8.87 -2.25
CA LEU A 111 1.04 8.64 -0.86
C LEU A 111 2.46 9.07 -0.54
N ILE A 112 2.68 9.59 0.65
CA ILE A 112 4.03 9.66 1.19
C ILE A 112 4.43 8.23 1.56
N HIS A 113 5.48 7.73 0.91
CA HIS A 113 5.85 6.33 1.00
C HIS A 113 6.45 5.96 2.36
N TRP A 114 7.14 6.92 2.97
CA TRP A 114 7.89 6.68 4.19
C TRP A 114 8.07 8.07 4.83
N PRO A 115 7.97 8.15 6.16
CA PRO A 115 7.99 9.46 6.82
C PRO A 115 9.36 10.20 6.89
N GLN A 116 10.46 9.46 6.85
CA GLN A 116 11.78 10.08 6.97
C GLN A 116 12.38 10.52 5.64
N GLY A 117 12.80 11.77 5.54
CA GLY A 117 13.42 12.28 4.33
C GLY A 117 14.84 11.75 4.19
N PHE A 118 15.19 11.30 2.99
CA PHE A 118 16.51 10.74 2.74
C PHE A 118 17.27 11.69 1.86
N LYS A 119 18.59 11.53 1.86
CA LYS A 119 19.46 12.38 1.04
C LYS A 119 19.05 12.34 -0.43
N SER A 120 18.83 13.53 -1.00
CA SER A 120 18.61 13.69 -2.44
C SER A 120 19.86 13.23 -3.21
N GLY A 121 19.68 12.86 -4.47
CA GLY A 121 20.78 12.36 -5.27
C GLY A 121 20.36 11.16 -6.10
N ASP A 122 21.32 10.57 -6.80
CA ASP A 122 21.04 9.43 -7.68
C ASP A 122 20.58 8.17 -6.89
N ASP A 123 21.21 7.91 -5.74
CA ASP A 123 20.83 6.77 -4.91
C ASP A 123 19.40 6.85 -4.35
N LEU A 124 18.70 5.72 -4.35
CA LEU A 124 17.36 5.65 -3.77
C LEU A 124 17.46 5.26 -2.30
N PHE A 125 18.55 4.59 -1.98
CA PHE A 125 18.82 4.17 -0.61
C PHE A 125 20.18 4.71 -0.17
N PRO A 126 20.29 6.04 -0.02
CA PRO A 126 21.57 6.67 0.35
C PRO A 126 22.04 6.19 1.72
N LYS A 127 23.28 5.73 1.79
CA LYS A 127 23.82 5.19 3.04
C LYS A 127 25.22 5.73 3.30
N ASP A 128 25.60 5.85 4.57
CA ASP A 128 26.98 6.24 4.89
C ASP A 128 27.97 5.14 4.51
N ASP A 129 29.22 5.31 4.89
CA ASP A 129 30.23 4.28 4.63
C ASP A 129 30.06 3.10 5.57
N LYS A 130 29.14 3.22 6.52
CA LYS A 130 28.90 2.14 7.47
C LYS A 130 27.53 1.47 7.26
N GLY A 131 26.82 1.87 6.20
CA GLY A 131 25.57 1.23 5.84
C GLY A 131 24.30 1.96 6.23
N ASN A 132 24.39 2.84 7.24
CA ASN A 132 23.22 3.56 7.76
C ASN A 132 22.70 4.62 6.80
N ALA A 133 21.38 4.77 6.76
CA ALA A 133 20.72 5.71 5.86
C ALA A 133 21.15 7.15 6.09
N ILE A 134 21.20 7.93 5.01
CA ILE A 134 21.55 9.35 5.12
C ILE A 134 20.32 10.25 5.00
N GLY A 135 20.10 11.07 6.02
CA GLY A 135 18.97 11.99 6.02
C GLY A 135 19.04 13.08 4.98
N GLY A 136 17.90 13.65 4.66
CA GLY A 136 17.81 14.76 3.71
C GLY A 136 17.38 16.06 4.36
N LYS A 137 17.25 17.10 3.54
CA LYS A 137 16.89 18.43 4.04
C LYS A 137 15.40 18.60 4.28
N ALA A 138 14.58 18.22 3.30
CA ALA A 138 13.13 18.42 3.43
C ALA A 138 12.49 17.39 4.37
N THR A 139 11.38 17.77 5.00
CA THR A 139 10.66 16.85 5.86
C THR A 139 9.44 16.28 5.12
N PHE A 140 8.73 15.33 5.74
CA PHE A 140 7.49 14.84 5.14
C PHE A 140 6.44 15.94 5.10
N LEU A 141 6.54 16.89 6.02
CA LEU A 141 5.67 18.04 6.02
C LEU A 141 5.97 18.92 4.81
N ASP A 142 7.25 19.11 4.50
CA ASP A 142 7.64 19.87 3.32
C ASP A 142 7.08 19.18 2.07
N ALA A 143 7.30 17.87 1.96
CA ALA A 143 6.77 17.09 0.83
C ALA A 143 5.28 17.28 0.69
N TRP A 144 4.55 17.20 1.80
CA TRP A 144 3.09 17.25 1.74
C TRP A 144 2.57 18.52 1.10
N GLU A 145 3.22 19.63 1.41
CA GLU A 145 2.84 20.92 0.88
C GLU A 145 2.98 20.92 -0.63
N ALA A 146 4.04 20.33 -1.14
CA ALA A 146 4.25 20.24 -2.58
C ALA A 146 3.21 19.30 -3.20
N MET A 147 2.93 18.20 -2.52
CA MET A 147 1.90 17.28 -2.98
C MET A 147 0.52 17.91 -3.00
N GLU A 148 0.23 18.82 -2.06
CA GLU A 148 -1.07 19.48 -2.06
C GLU A 148 -1.29 20.31 -3.33
N GLU A 149 -0.18 20.76 -3.92
CA GLU A 149 -0.25 21.55 -5.13
C GLU A 149 -0.76 20.69 -6.27
N LEU A 150 -0.29 19.45 -6.29
CA LEU A 150 -0.75 18.44 -7.25
C LEU A 150 -2.27 18.28 -7.19
N VAL A 151 -2.84 18.37 -6.00
CA VAL A 151 -4.28 18.24 -5.86
C VAL A 151 -4.95 19.50 -6.42
N ASP A 152 -4.39 20.65 -6.06
CA ASP A 152 -4.91 21.94 -6.52
C ASP A 152 -5.03 21.99 -8.03
N GLU A 153 -4.09 21.33 -8.69
CA GLU A 153 -4.00 21.34 -10.14
C GLU A 153 -4.69 20.16 -10.80
N GLY A 154 -5.44 19.37 -10.03
CA GLY A 154 -6.16 18.23 -10.58
C GLY A 154 -5.30 17.09 -11.11
N LEU A 155 -4.02 17.05 -10.72
CA LEU A 155 -3.14 15.95 -11.11
C LEU A 155 -3.30 14.74 -10.20
N VAL A 156 -3.82 14.97 -9.00
CA VAL A 156 -4.03 13.91 -8.01
C VAL A 156 -5.35 14.22 -7.34
N LYS A 157 -6.16 13.20 -7.10
CA LYS A 157 -7.46 13.40 -6.46
C LYS A 157 -7.42 13.49 -4.92
N ALA A 158 -6.50 12.75 -4.31
CA ALA A 158 -6.45 12.66 -2.84
C ALA A 158 -5.07 12.25 -2.43
N LEU A 159 -4.66 12.67 -1.23
CA LEU A 159 -3.33 12.36 -0.72
C LEU A 159 -3.44 11.36 0.42
N GLY A 160 -2.35 10.64 0.68
CA GLY A 160 -2.30 9.80 1.86
C GLY A 160 -0.88 9.55 2.33
N VAL A 161 -0.73 8.69 3.31
CA VAL A 161 0.59 8.44 3.89
C VAL A 161 0.79 6.96 4.02
N SER A 162 2.06 6.55 4.11
CA SER A 162 2.39 5.15 4.29
C SER A 162 3.48 4.98 5.34
N ASN A 163 3.38 3.92 6.13
CA ASN A 163 4.33 3.69 7.23
C ASN A 163 4.40 4.86 8.21
N PHE A 164 3.25 5.50 8.44
CA PHE A 164 3.16 6.54 9.44
C PHE A 164 2.62 5.98 10.74
N SER A 165 3.17 6.42 11.87
CA SER A 165 2.59 6.13 13.17
C SER A 165 1.55 7.21 13.46
N HIS A 166 0.79 7.04 14.54
CA HIS A 166 -0.21 8.02 14.91
C HIS A 166 0.40 9.35 15.34
N PHE A 167 1.64 9.31 15.82
CA PHE A 167 2.32 10.55 16.20
C PHE A 167 2.64 11.38 14.95
N GLN A 168 2.96 10.71 13.85
CA GLN A 168 3.28 11.43 12.63
C GLN A 168 2.01 11.92 11.92
N ILE A 169 0.94 11.12 11.99
CA ILE A 169 -0.34 11.55 11.48
C ILE A 169 -0.80 12.78 12.26
N GLU A 170 -0.63 12.74 13.59
CA GLU A 170 -0.94 13.88 14.44
C GLU A 170 -0.22 15.15 13.99
N LYS A 171 1.06 15.03 13.65
CA LYS A 171 1.84 16.18 13.20
C LYS A 171 1.34 16.69 11.87
N LEU A 172 0.93 15.77 11.00
CA LEU A 172 0.41 16.19 9.70
C LEU A 172 -0.91 16.92 9.89
N LEU A 173 -1.83 16.31 10.65
CA LEU A 173 -3.15 16.88 10.90
C LEU A 173 -3.09 18.24 11.57
N ASN A 174 -2.08 18.44 12.42
CA ASN A 174 -1.98 19.69 13.15
C ASN A 174 -1.05 20.72 12.50
N LYS A 175 -0.54 20.40 11.31
CA LYS A 175 0.27 21.31 10.52
C LYS A 175 -0.50 22.59 10.16
N PRO A 176 0.13 23.75 10.38
CA PRO A 176 -0.54 25.02 10.06
C PRO A 176 -0.64 25.21 8.54
N GLY A 177 -1.80 25.72 8.12
CA GLY A 177 -2.04 25.89 6.70
C GLY A 177 -2.41 24.60 5.97
N LEU A 178 -2.69 23.54 6.72
CA LEU A 178 -3.03 22.26 6.09
C LEU A 178 -4.21 22.41 5.15
N LYS A 179 -4.00 22.03 3.88
CA LYS A 179 -5.04 22.10 2.87
C LYS A 179 -5.83 20.79 2.75
N TYR A 180 -5.10 19.67 2.56
CA TYR A 180 -5.72 18.36 2.37
C TYR A 180 -5.29 17.33 3.41
N LYS A 181 -6.25 16.51 3.84
CA LYS A 181 -6.00 15.45 4.82
C LYS A 181 -5.64 14.14 4.14
N PRO A 182 -4.86 13.28 4.84
CA PRO A 182 -4.58 11.94 4.31
C PRO A 182 -5.84 11.13 4.27
N VAL A 183 -6.12 10.47 3.15
CA VAL A 183 -7.32 9.66 3.04
C VAL A 183 -7.07 8.24 3.47
N THR A 184 -5.79 7.88 3.58
CA THR A 184 -5.42 6.54 3.99
C THR A 184 -4.02 6.52 4.59
N ASN A 185 -3.77 5.50 5.41
CA ASN A 185 -2.44 5.19 5.87
C ASN A 185 -2.16 3.76 5.45
N GLN A 186 -1.25 3.60 4.50
CA GLN A 186 -0.88 2.27 4.01
C GLN A 186 0.27 1.70 4.81
N VAL A 187 -0.02 0.65 5.57
CA VAL A 187 0.97 0.03 6.48
C VAL A 187 0.84 -1.47 6.42
N GLU A 188 1.88 -2.14 6.94
CA GLU A 188 1.89 -3.59 7.01
C GLU A 188 0.83 -4.06 7.98
N CYS A 189 0.08 -5.07 7.59
CA CYS A 189 -0.92 -5.60 8.49
C CYS A 189 -1.29 -6.99 8.04
N HIS A 190 -1.43 -7.86 9.03
CA HIS A 190 -1.71 -9.26 8.80
C HIS A 190 -1.86 -9.82 10.21
N PRO A 191 -2.20 -11.10 10.34
CA PRO A 191 -2.41 -11.62 11.71
C PRO A 191 -1.16 -11.69 12.62
N TYR A 192 0.05 -11.48 12.13
CA TYR A 192 1.17 -11.40 13.06
C TYR A 192 1.45 -9.95 13.50
N LEU A 193 0.80 -9.01 12.83
CA LEU A 193 0.94 -7.58 13.12
C LEU A 193 -0.41 -6.93 12.90
N THR A 194 -1.27 -7.01 13.91
CA THR A 194 -2.69 -6.69 13.72
C THR A 194 -3.02 -5.20 13.79
N GLN A 195 -2.07 -4.39 14.23
CA GLN A 195 -2.20 -2.93 14.15
C GLN A 195 -3.50 -2.43 14.79
N GLU A 196 -3.85 -2.96 15.96
CA GLU A 196 -5.17 -2.66 16.51
C GLU A 196 -5.30 -1.20 16.89
N LYS A 197 -4.36 -0.71 17.66
CA LYS A 197 -4.41 0.66 18.12
C LYS A 197 -4.26 1.68 17.00
N LEU A 198 -3.47 1.35 15.98
CA LEU A 198 -3.29 2.29 14.86
C LEU A 198 -4.53 2.39 13.98
N ILE A 199 -5.14 1.23 13.73
CA ILE A 199 -6.37 1.18 12.94
C ILE A 199 -7.45 1.91 13.70
N GLN A 200 -7.53 1.64 15.00
CA GLN A 200 -8.44 2.37 15.88
C GLN A 200 -8.24 3.87 15.69
N TYR A 201 -6.99 4.31 15.84
CA TYR A 201 -6.65 5.73 15.71
C TYR A 201 -7.06 6.32 14.35
N CYS A 202 -6.62 5.70 13.26
CA CYS A 202 -6.90 6.21 11.92
C CYS A 202 -8.41 6.34 11.69
N HIS A 203 -9.14 5.28 11.99
CA HIS A 203 -10.58 5.28 11.79
C HIS A 203 -11.25 6.38 12.61
N SER A 204 -10.76 6.58 13.82
CA SER A 204 -11.30 7.62 14.68
C SER A 204 -11.06 9.01 14.06
N LYS A 205 -10.14 9.09 13.13
CA LYS A 205 -9.85 10.35 12.43
C LYS A 205 -10.39 10.41 11.00
N GLY A 206 -11.13 9.37 10.58
CA GLY A 206 -11.70 9.33 9.24
C GLY A 206 -10.65 9.02 8.19
N ILE A 207 -9.57 8.40 8.64
CA ILE A 207 -8.50 7.96 7.74
C ILE A 207 -8.59 6.46 7.58
N THR A 208 -8.71 5.99 6.33
CA THR A 208 -8.75 4.54 6.10
C THR A 208 -7.35 3.95 6.34
N VAL A 209 -7.30 2.62 6.44
CA VAL A 209 -6.04 1.90 6.50
C VAL A 209 -5.94 0.95 5.32
N THR A 210 -4.78 0.91 4.69
CA THR A 210 -4.52 -0.05 3.63
C THR A 210 -3.45 -1.01 4.13
N ALA A 211 -3.82 -2.30 4.21
CA ALA A 211 -2.90 -3.35 4.66
C ALA A 211 -2.00 -3.80 3.53
N TYR A 212 -0.69 -3.62 3.71
CA TYR A 212 0.25 -4.21 2.77
C TYR A 212 0.92 -5.46 3.37
N SER A 213 1.67 -6.20 2.54
CA SER A 213 2.14 -7.56 2.89
C SER A 213 1.15 -8.40 3.66
N PRO A 214 -0.11 -8.50 3.17
CA PRO A 214 -1.10 -9.29 3.91
C PRO A 214 -0.81 -10.80 3.87
N LEU A 215 0.02 -11.24 2.93
CA LEU A 215 0.38 -12.67 2.89
C LEU A 215 1.73 -12.93 3.55
N GLY A 216 2.33 -11.87 4.13
CA GLY A 216 3.55 -12.02 4.87
C GLY A 216 4.74 -11.77 3.98
N SER A 217 4.48 -11.35 2.76
CA SER A 217 5.51 -11.03 1.80
C SER A 217 6.59 -12.13 1.70
N PRO A 218 6.20 -13.37 1.32
CA PRO A 218 7.13 -14.50 1.36
C PRO A 218 8.32 -14.35 0.43
N ASP A 219 8.17 -13.54 -0.60
CA ASP A 219 9.22 -13.33 -1.57
C ASP A 219 10.20 -12.20 -1.20
N ARG A 220 10.06 -11.63 -0.01
CA ARG A 220 10.96 -10.56 0.43
C ARG A 220 12.41 -11.11 0.52
N PRO A 221 13.37 -10.38 -0.07
CA PRO A 221 14.77 -10.83 -0.08
C PRO A 221 15.27 -11.27 1.30
N TRP A 222 14.90 -10.54 2.33
CA TRP A 222 15.48 -10.70 3.66
C TRP A 222 14.79 -11.73 4.55
N ALA A 223 13.87 -12.50 3.99
CA ALA A 223 13.17 -13.52 4.76
C ALA A 223 14.19 -14.49 5.37
N LYS A 224 13.79 -15.13 6.47
CA LYS A 224 14.62 -16.15 7.10
C LYS A 224 13.77 -17.40 7.23
N PRO A 225 14.41 -18.57 7.31
CA PRO A 225 13.61 -19.79 7.45
C PRO A 225 12.80 -19.83 8.75
N GLU A 226 13.29 -19.12 9.77
CA GLU A 226 12.65 -19.10 11.08
C GLU A 226 11.75 -17.88 11.27
N ASP A 227 11.76 -16.94 10.32
CA ASP A 227 10.75 -15.90 10.25
C ASP A 227 9.41 -16.62 10.17
N PRO A 228 8.43 -16.21 10.99
CA PRO A 228 7.16 -16.96 10.98
C PRO A 228 6.53 -16.93 9.59
N SER A 229 5.66 -17.88 9.28
CA SER A 229 5.18 -18.03 7.91
C SER A 229 3.68 -18.10 7.87
N LEU A 230 3.03 -16.98 7.53
CA LEU A 230 1.57 -16.89 7.49
C LEU A 230 0.92 -17.92 6.58
N LEU A 231 1.41 -18.02 5.36
CA LEU A 231 0.76 -18.90 4.37
C LEU A 231 0.79 -20.37 4.79
N GLU A 232 1.83 -20.75 5.51
CA GLU A 232 1.98 -22.15 5.93
C GLU A 232 1.45 -22.36 7.34
N ASP A 233 0.94 -21.30 7.96
CA ASP A 233 0.46 -21.35 9.34
C ASP A 233 -0.71 -22.32 9.45
N PRO A 234 -0.50 -23.45 10.14
CA PRO A 234 -1.51 -24.50 10.27
C PRO A 234 -2.85 -24.02 10.81
N LYS A 235 -2.86 -23.05 11.72
CA LYS A 235 -4.12 -22.57 12.27
C LYS A 235 -4.87 -21.67 11.27
N ILE A 236 -4.14 -21.07 10.33
CA ILE A 236 -4.79 -20.29 9.28
C ILE A 236 -5.36 -21.26 8.24
N LYS A 237 -4.57 -22.27 7.87
CA LYS A 237 -4.99 -23.25 6.87
C LYS A 237 -6.24 -24.00 7.31
N GLU A 238 -6.32 -24.30 8.61
CA GLU A 238 -7.47 -24.99 9.17
C GLU A 238 -8.76 -24.19 9.01
N ILE A 239 -8.68 -22.88 9.27
CA ILE A 239 -9.84 -22.00 9.15
C ILE A 239 -10.22 -21.93 7.67
N ALA A 240 -9.21 -21.89 6.81
CA ALA A 240 -9.40 -21.91 5.36
C ALA A 240 -10.19 -23.13 4.86
N ALA A 241 -9.70 -24.31 5.20
CA ALA A 241 -10.36 -25.57 4.82
C ALA A 241 -11.82 -25.56 5.25
N LYS A 242 -12.08 -24.96 6.40
CA LYS A 242 -13.44 -24.88 6.94
C LYS A 242 -14.40 -24.11 6.01
N HIS A 243 -13.85 -23.24 5.16
CA HIS A 243 -14.68 -22.43 4.28
C HIS A 243 -14.49 -22.84 2.82
N LYS A 244 -13.66 -23.85 2.61
CA LYS A 244 -13.27 -24.29 1.27
C LYS A 244 -12.53 -23.17 0.55
N LYS A 245 -11.56 -22.58 1.25
CA LYS A 245 -10.79 -21.44 0.77
C LYS A 245 -9.31 -21.67 1.00
N THR A 246 -8.47 -20.87 0.36
CA THR A 246 -7.04 -20.99 0.58
C THR A 246 -6.62 -20.13 1.78
N ALA A 247 -5.42 -20.39 2.28
CA ALA A 247 -4.88 -19.63 3.39
C ALA A 247 -4.78 -18.16 2.96
N ALA A 248 -4.37 -17.94 1.72
CA ALA A 248 -4.20 -16.60 1.20
C ALA A 248 -5.55 -15.83 1.19
N GLN A 249 -6.62 -16.54 0.88
CA GLN A 249 -7.94 -15.94 0.85
C GLN A 249 -8.46 -15.57 2.22
N VAL A 250 -8.12 -16.38 3.23
CA VAL A 250 -8.47 -16.07 4.62
C VAL A 250 -7.71 -14.82 5.11
N LEU A 251 -6.41 -14.81 4.82
CA LEU A 251 -5.54 -13.70 5.16
C LEU A 251 -6.05 -12.38 4.56
N ILE A 252 -6.47 -12.44 3.29
CA ILE A 252 -7.12 -11.30 2.64
C ILE A 252 -8.48 -10.94 3.26
N ARG A 253 -9.35 -11.93 3.45
CA ARG A 253 -10.68 -11.68 4.03
C ARG A 253 -10.61 -11.05 5.43
N PHE A 254 -9.57 -11.39 6.19
CA PHE A 254 -9.36 -10.84 7.54
C PHE A 254 -9.43 -9.31 7.55
N HIS A 255 -8.72 -8.67 6.63
CA HIS A 255 -8.74 -7.22 6.55
C HIS A 255 -10.12 -6.70 6.13
N ILE A 256 -10.71 -7.34 5.12
CA ILE A 256 -12.04 -6.94 4.66
C ILE A 256 -13.04 -6.81 5.82
N GLN A 257 -12.99 -7.75 6.75
CA GLN A 257 -13.96 -7.74 7.85
C GLN A 257 -13.63 -6.77 8.95
N ARG A 258 -12.43 -6.17 8.87
CA ARG A 258 -12.09 -5.08 9.77
C ARG A 258 -12.30 -3.74 9.10
N ASN A 259 -12.86 -3.77 7.91
N ASN A 259 -12.87 -3.77 7.90
CA ASN A 259 -13.08 -2.56 7.09
CA ASN A 259 -13.07 -2.59 7.07
C ASN A 259 -11.74 -1.96 6.64
C ASN A 259 -11.74 -1.97 6.66
N VAL A 260 -10.76 -2.82 6.38
CA VAL A 260 -9.40 -2.38 6.04
C VAL A 260 -9.10 -2.79 4.60
N ILE A 261 -8.69 -1.82 3.80
CA ILE A 261 -8.33 -2.06 2.41
C ILE A 261 -7.09 -2.93 2.41
N VAL A 262 -6.93 -3.76 1.39
CA VAL A 262 -5.84 -4.72 1.38
C VAL A 262 -5.38 -4.93 -0.06
N ILE A 263 -4.05 -5.08 -0.24
CA ILE A 263 -3.47 -5.09 -1.57
C ILE A 263 -2.52 -6.26 -1.81
N PRO A 264 -3.07 -7.48 -1.86
CA PRO A 264 -2.18 -8.64 -2.04
C PRO A 264 -1.49 -8.59 -3.40
N LYS A 265 -0.22 -8.97 -3.46
CA LYS A 265 0.52 -8.95 -4.72
C LYS A 265 0.63 -10.35 -5.31
N SER A 266 0.40 -10.46 -6.60
CA SER A 266 0.73 -11.70 -7.31
C SER A 266 1.00 -11.40 -8.78
N VAL A 267 1.96 -12.11 -9.34
CA VAL A 267 2.12 -12.13 -10.79
C VAL A 267 1.70 -13.49 -11.36
N THR A 268 0.96 -14.27 -10.58
CA THR A 268 0.48 -15.57 -11.04
C THR A 268 -1.01 -15.53 -11.22
N PRO A 269 -1.48 -15.62 -12.49
CA PRO A 269 -2.88 -15.41 -12.87
C PRO A 269 -3.89 -16.17 -12.01
N ALA A 270 -3.63 -17.46 -11.77
CA ALA A 270 -4.51 -18.25 -10.91
C ALA A 270 -4.67 -17.62 -9.53
N ARG A 271 -3.57 -17.14 -8.98
CA ARG A 271 -3.56 -16.53 -7.66
C ARG A 271 -4.24 -15.16 -7.66
N ILE A 272 -4.01 -14.37 -8.70
CA ILE A 272 -4.64 -13.05 -8.85
C ILE A 272 -6.15 -13.20 -8.77
N VAL A 273 -6.70 -14.14 -9.55
CA VAL A 273 -8.13 -14.40 -9.51
C VAL A 273 -8.57 -14.87 -8.14
N GLU A 274 -7.86 -15.86 -7.61
CA GLU A 274 -8.17 -16.40 -6.29
C GLU A 274 -8.18 -15.34 -5.19
N ASN A 275 -7.30 -14.35 -5.30
CA ASN A 275 -7.13 -13.32 -4.28
C ASN A 275 -8.26 -12.30 -4.23
N ILE A 276 -9.09 -12.29 -5.28
CA ILE A 276 -10.25 -11.42 -5.32
C ILE A 276 -11.55 -12.24 -5.12
N GLN A 277 -11.40 -13.56 -5.10
CA GLN A 277 -12.53 -14.42 -4.74
C GLN A 277 -12.70 -14.48 -3.24
N VAL A 278 -13.05 -13.37 -2.62
CA VAL A 278 -13.10 -13.33 -1.17
C VAL A 278 -14.34 -12.59 -0.69
N PHE A 279 -15.34 -12.48 -1.56
CA PHE A 279 -16.61 -11.84 -1.18
C PHE A 279 -17.77 -12.84 -1.17
N ASP A 280 -17.43 -14.12 -1.18
CA ASP A 280 -18.41 -15.20 -1.13
C ASP A 280 -18.37 -16.00 0.17
N PHE A 281 -17.53 -15.60 1.11
CA PHE A 281 -17.56 -16.22 2.43
C PHE A 281 -17.40 -15.20 3.55
N LYS A 282 -17.55 -15.66 4.78
CA LYS A 282 -17.39 -14.81 5.95
C LYS A 282 -16.81 -15.61 7.10
N LEU A 283 -15.71 -15.11 7.65
CA LEU A 283 -15.13 -15.68 8.84
C LEU A 283 -16.09 -15.38 9.96
N SER A 284 -16.26 -16.35 10.87
CA SER A 284 -17.12 -16.14 12.02
C SER A 284 -16.45 -15.14 12.96
N ASP A 285 -17.27 -14.48 13.78
CA ASP A 285 -16.79 -13.55 14.77
C ASP A 285 -15.88 -14.22 15.80
N GLU A 286 -15.88 -15.54 15.77
CA GLU A 286 -15.03 -16.34 16.65
C GLU A 286 -13.75 -16.66 15.90
N GLU A 287 -13.86 -16.83 14.59
CA GLU A 287 -12.69 -17.03 13.75
C GLU A 287 -11.86 -15.75 13.66
N MET A 288 -12.54 -14.60 13.69
CA MET A 288 -11.89 -13.29 13.64
C MET A 288 -11.13 -13.01 14.92
N ALA A 289 -11.72 -13.40 16.05
CA ALA A 289 -11.09 -13.21 17.34
C ALA A 289 -9.87 -14.12 17.50
N THR A 290 -9.95 -15.29 16.88
CA THR A 290 -8.84 -16.24 16.88
C THR A 290 -7.68 -15.74 16.03
N ILE A 291 -8.01 -15.19 14.88
CA ILE A 291 -6.98 -14.67 14.01
C ILE A 291 -6.32 -13.42 14.64
N LEU A 292 -7.15 -12.53 15.18
CA LEU A 292 -6.66 -11.36 15.92
C LEU A 292 -5.70 -11.71 17.05
N SER A 293 -5.83 -12.93 17.60
CA SER A 293 -5.01 -13.37 18.72
C SER A 293 -3.66 -13.90 18.27
N PHE A 294 -3.41 -13.86 16.97
CA PHE A 294 -2.12 -14.31 16.46
C PHE A 294 -1.09 -13.18 16.47
N ASN A 295 -1.52 -11.99 16.87
CA ASN A 295 -0.63 -10.83 16.83
C ASN A 295 0.64 -11.13 17.61
N ARG A 296 1.79 -10.98 16.97
CA ARG A 296 3.06 -11.14 17.65
C ARG A 296 3.98 -9.96 17.39
N ASN A 297 3.37 -8.88 16.89
CA ASN A 297 4.08 -7.66 16.52
C ASN A 297 5.28 -7.95 15.64
N TRP A 298 5.12 -8.85 14.67
CA TRP A 298 6.20 -9.16 13.75
C TRP A 298 6.06 -8.38 12.44
N ARG A 299 7.11 -7.64 12.08
CA ARG A 299 7.17 -6.92 10.81
C ARG A 299 8.01 -7.68 9.81
N ALA A 300 7.42 -8.00 8.66
CA ALA A 300 8.16 -8.59 7.54
C ALA A 300 8.90 -7.47 6.86
N CYS A 301 8.30 -6.28 6.89
CA CYS A 301 8.85 -5.17 6.14
C CYS A 301 9.53 -4.15 7.05
N ASN A 302 10.74 -4.48 7.49
CA ASN A 302 11.53 -3.58 8.31
C ASN A 302 12.99 -3.64 7.89
N VAL A 303 13.23 -3.32 6.62
CA VAL A 303 14.55 -3.44 6.01
C VAL A 303 15.36 -2.14 6.18
N LEU A 304 14.68 -1.01 6.19
CA LEU A 304 15.32 0.31 6.14
C LEU A 304 16.30 0.59 7.29
N GLN A 305 15.91 0.23 8.52
CA GLN A 305 16.77 0.40 9.72
C GLN A 305 17.46 1.77 9.85
N SER A 306 16.72 2.81 9.51
CA SER A 306 17.13 4.19 9.70
C SER A 306 16.62 4.63 11.06
N SER A 307 16.75 3.73 12.03
CA SER A 307 16.32 3.98 13.39
C SER A 307 17.12 5.11 14.03
N HIS A 308 18.18 5.55 13.36
CA HIS A 308 19.01 6.62 13.89
C HIS A 308 18.50 7.99 13.43
N LEU A 309 17.81 8.01 12.29
CA LEU A 309 17.23 9.26 11.79
C LEU A 309 15.94 9.66 12.50
N GLU A 310 15.60 10.94 12.36
CA GLU A 310 14.40 11.51 12.93
C GLU A 310 13.15 10.94 12.26
N ASP A 311 12.10 10.73 13.04
CA ASP A 311 10.81 10.30 12.51
C ASP A 311 10.78 8.81 12.10
N TYR A 312 11.54 7.97 12.79
CA TYR A 312 11.48 6.54 12.54
C TYR A 312 10.15 6.03 13.07
N PRO A 313 9.32 5.44 12.19
CA PRO A 313 7.93 5.22 12.61
C PRO A 313 7.75 4.10 13.61
N PHE A 314 8.63 3.11 13.59
CA PHE A 314 8.37 1.85 14.29
C PHE A 314 8.87 1.87 15.72
N ASP A 315 9.49 2.96 16.14
CA ASP A 315 9.82 3.20 17.54
C ASP A 315 8.55 3.45 18.35
N ALA A 316 7.61 4.14 17.72
CA ALA A 316 6.33 4.42 18.36
C ALA A 316 5.60 3.11 18.64
N GLU A 317 4.83 3.08 19.73
CA GLU A 317 3.98 1.93 20.02
C GLU A 317 2.96 1.72 18.90
N TYR A 318 2.32 2.82 18.47
CA TYR A 318 1.42 2.82 17.29
C TYR A 318 1.38 4.20 16.68
#